data_4RMH
#
_entry.id   4RMH
#
_cell.length_a   35.994
_cell.length_b   73.302
_cell.length_c   55.291
_cell.angle_alpha   90.00
_cell.angle_beta   95.23
_cell.angle_gamma   90.00
#
_symmetry.space_group_name_H-M   'P 1 21 1'
#
loop_
_entity.id
_entity.type
_entity.pdbx_description
1 polymer 'NAD-dependent protein deacetylase sirtuin-2'
2 polymer 'Ac-Lys-H3 peptide'
3 non-polymer 'ZINC ION'
4 non-polymer 2-[(4,6-dimethylpyrimidin-2-yl)sulfanyl]-N-[5-(naphthalen-1-ylmethyl)-1,3-thiazol-2-yl]acetamide
5 water water
#
loop_
_entity_poly.entity_id
_entity_poly.type
_entity_poly.pdbx_seq_one_letter_code
_entity_poly.pdbx_strand_id
1 'polypeptide(L)'
;GHMERLLDELTLEGVARYMQSERCRRVICLVGAGISTSAGIPDFRSPSTGLYDNLEKYHLPYPEAIFEISYFKKHPEPFF
ALAKELYPGQFKPTICHYFMRLLKDKGLLLRCYTQNIDTLERIAGLEQEDLVEAHGTFYTSHCVSASCRHEYPLSWMKEK
IFSEVTPKCEDCQSLVKPDIVFFGESLPARFFSCMQSDFLKVDLLLVMGTSLQVQPFASLISKAPLSTPRLLINKEKAGQ
SDPFLGMIMGLGGGMDFDSKKAYRDVAWLGECDQGCLALAELLGWKKELEDLVRREHASIDAQS
;
A
2 'polypeptide(L)' TGG(ALY)APR B
#
loop_
_chem_comp.id
_chem_comp.type
_chem_comp.name
_chem_comp.formula
3TE non-polymer 2-[(4,6-dimethylpyrimidin-2-yl)sulfanyl]-N-[5-(naphthalen-1-ylmethyl)-1,3-thiazol-2-yl]acetamide 'C22 H20 N4 O S2'
ZN non-polymer 'ZINC ION' 'Zn 2'
#
# COMPACT_ATOMS: atom_id res chain seq x y z
N GLU A 4 -13.17 25.82 15.10
CA GLU A 4 -11.90 25.29 15.69
C GLU A 4 -11.15 24.28 14.81
N ARG A 5 -11.73 23.96 13.65
CA ARG A 5 -11.18 22.90 12.80
C ARG A 5 -9.92 23.38 12.09
N LEU A 6 -9.09 22.46 11.65
CA LEU A 6 -7.77 22.80 11.10
C LEU A 6 -7.82 23.17 9.61
N LEU A 7 -8.73 22.55 8.86
CA LEU A 7 -8.93 22.90 7.45
C LEU A 7 -9.80 24.13 7.31
N ASP A 8 -9.36 25.10 6.52
CA ASP A 8 -10.17 26.32 6.32
C ASP A 8 -11.40 26.02 5.46
N GLU A 9 -11.28 25.04 4.56
CA GLU A 9 -12.43 24.51 3.86
C GLU A 9 -12.22 23.05 3.48
N LEU A 10 -13.32 22.33 3.27
CA LEU A 10 -13.29 20.89 3.04
C LEU A 10 -13.13 20.59 1.55
N THR A 11 -11.98 20.99 1.02
CA THR A 11 -11.64 20.87 -0.38
C THR A 11 -10.17 20.48 -0.50
N LEU A 12 -9.76 20.04 -1.68
CA LEU A 12 -8.34 19.80 -1.95
C LEU A 12 -7.51 21.07 -1.71
N GLU A 13 -8.07 22.22 -2.07
CA GLU A 13 -7.45 23.51 -1.85
CA GLU A 13 -7.41 23.51 -1.84
C GLU A 13 -7.23 23.76 -0.35
N GLY A 14 -8.23 23.42 0.46
CA GLY A 14 -8.07 23.51 1.92
C GLY A 14 -6.96 22.63 2.47
N VAL A 15 -6.87 21.41 1.95
CA VAL A 15 -5.84 20.48 2.39
C VAL A 15 -4.45 20.99 2.02
N ALA A 16 -4.31 21.50 0.80
CA ALA A 16 -3.03 22.05 0.37
C ALA A 16 -2.55 23.22 1.24
N ARG A 17 -3.44 24.16 1.55
CA ARG A 17 -3.09 25.28 2.42
C ARG A 17 -2.65 24.77 3.78
N TYR A 18 -3.35 23.76 4.27
CA TYR A 18 -3.00 23.17 5.56
C TYR A 18 -1.63 22.51 5.51
N MET A 19 -1.37 21.75 4.46
CA MET A 19 -0.07 21.11 4.30
C MET A 19 1.08 22.10 4.29
N GLN A 20 0.88 23.27 3.70
CA GLN A 20 1.97 24.22 3.63
CA GLN A 20 1.91 24.29 3.59
C GLN A 20 2.00 25.18 4.82
N SER A 21 1.11 24.97 5.79
CA SER A 21 1.12 25.72 7.04
C SER A 21 2.05 25.02 8.05
N GLU A 22 2.43 25.72 9.11
CA GLU A 22 3.29 25.21 10.17
CA GLU A 22 3.32 25.14 10.10
C GLU A 22 2.61 24.11 11.00
N ARG A 23 1.28 24.02 10.89
CA ARG A 23 0.53 23.01 11.65
CA ARG A 23 0.52 23.02 11.66
C ARG A 23 0.69 21.60 11.12
N CYS A 24 1.09 21.48 9.85
CA CYS A 24 1.21 20.17 9.22
C CYS A 24 2.65 19.79 8.99
N ARG A 25 3.17 18.92 9.86
CA ARG A 25 4.55 18.48 9.76
CA ARG A 25 4.57 18.47 9.84
C ARG A 25 4.70 16.99 9.46
N ARG A 26 3.70 16.17 9.82
CA ARG A 26 3.80 14.71 9.71
C ARG A 26 2.59 14.07 9.07
N VAL A 27 2.82 13.42 7.94
CA VAL A 27 1.75 12.85 7.12
C VAL A 27 1.88 11.33 7.17
N ILE A 28 0.78 10.64 7.42
CA ILE A 28 0.69 9.20 7.25
C ILE A 28 -0.13 8.92 6.00
N CYS A 29 0.40 8.09 5.10
CA CYS A 29 -0.30 7.61 3.93
C CYS A 29 -0.83 6.20 4.20
N LEU A 30 -2.11 5.96 3.86
CA LEU A 30 -2.69 4.62 3.86
C LEU A 30 -3.06 4.30 2.42
N VAL A 31 -2.44 3.28 1.85
CA VAL A 31 -2.61 3.00 0.40
C VAL A 31 -2.99 1.56 0.13
N GLY A 32 -3.75 1.39 -0.95
CA GLY A 32 -4.17 0.05 -1.38
C GLY A 32 -4.07 -0.15 -2.88
N ALA A 33 -4.81 -1.14 -3.36
CA ALA A 33 -4.65 -1.61 -4.73
C ALA A 33 -4.87 -0.53 -5.76
N GLY A 34 -5.70 0.46 -5.45
CA GLY A 34 -5.99 1.54 -6.36
C GLY A 34 -4.80 2.40 -6.75
N ILE A 35 -3.71 2.36 -5.99
CA ILE A 35 -2.51 3.13 -6.39
C ILE A 35 -1.61 2.35 -7.35
N SER A 36 -1.93 1.08 -7.58
CA SER A 36 -1.11 0.24 -8.47
C SER A 36 -1.81 -0.20 -9.76
N THR A 37 -3.09 0.07 -9.87
CA THR A 37 -3.81 -0.39 -11.07
C THR A 37 -3.30 0.30 -12.31
N SER A 38 -2.92 1.58 -12.20
CA SER A 38 -2.40 2.30 -13.37
C SER A 38 -1.00 1.86 -13.78
N ALA A 39 -0.33 1.09 -12.90
CA ALA A 39 0.94 0.42 -13.21
C ALA A 39 0.71 -0.95 -13.84
N GLY A 40 -0.54 -1.29 -14.10
CA GLY A 40 -0.86 -2.56 -14.73
C GLY A 40 -0.90 -3.72 -13.78
N ILE A 41 -1.05 -3.44 -12.48
CA ILE A 41 -1.18 -4.47 -11.48
C ILE A 41 -2.62 -4.52 -10.96
N PRO A 42 -3.38 -5.57 -11.30
CA PRO A 42 -4.75 -5.68 -10.77
C PRO A 42 -4.86 -5.89 -9.25
N ASP A 43 -6.05 -5.58 -8.75
CA ASP A 43 -6.43 -5.77 -7.35
C ASP A 43 -6.63 -7.25 -7.02
N PHE A 44 -5.69 -7.83 -6.24
CA PHE A 44 -5.72 -9.27 -5.93
C PHE A 44 -6.87 -9.71 -5.01
N ARG A 45 -7.44 -8.79 -4.24
CA ARG A 45 -8.55 -9.13 -3.35
C ARG A 45 -9.90 -9.17 -4.05
N SER A 46 -10.00 -8.54 -5.21
CA SER A 46 -11.24 -8.50 -5.96
C SER A 46 -11.52 -9.83 -6.69
N PRO A 47 -12.77 -10.33 -6.63
CA PRO A 47 -13.17 -11.50 -7.43
C PRO A 47 -13.53 -11.14 -8.88
N SER A 48 -13.68 -9.85 -9.18
CA SER A 48 -14.10 -9.37 -10.50
C SER A 48 -12.93 -8.96 -11.42
N THR A 49 -11.70 -9.25 -10.99
CA THR A 49 -10.51 -9.00 -11.83
C THR A 49 -10.01 -10.24 -12.59
N GLY A 50 -10.68 -11.38 -12.40
CA GLY A 50 -10.43 -12.58 -13.22
C GLY A 50 -9.09 -13.27 -12.99
N LEU A 51 -8.51 -13.05 -11.82
CA LEU A 51 -7.20 -13.63 -11.49
C LEU A 51 -7.37 -15.08 -11.07
N TYR A 52 -8.53 -15.39 -10.47
CA TYR A 52 -8.82 -16.71 -9.93
C TYR A 52 -9.91 -17.41 -10.73
N ASP A 53 -9.96 -17.13 -12.02
CA ASP A 53 -10.96 -17.72 -12.92
C ASP A 53 -10.79 -19.22 -13.15
N ASN A 54 -9.56 -19.71 -13.04
CA ASN A 54 -9.28 -21.14 -13.18
C ASN A 54 -8.44 -21.68 -12.02
N LYS A 57 -7.39 -27.97 -11.76
CA LYS A 57 -6.29 -28.93 -11.83
C LYS A 57 -5.53 -29.13 -10.51
N TYR A 58 -5.64 -28.18 -9.60
CA TYR A 58 -4.96 -28.24 -8.32
C TYR A 58 -5.62 -29.21 -7.32
N HIS A 59 -6.94 -29.38 -7.45
CA HIS A 59 -7.72 -30.26 -6.56
C HIS A 59 -7.76 -29.73 -5.14
N LEU A 60 -8.06 -28.45 -5.00
CA LEU A 60 -8.11 -27.80 -3.70
C LEU A 60 -9.29 -28.36 -2.92
N PRO A 61 -9.07 -28.77 -1.66
CA PRO A 61 -10.20 -29.26 -0.85
C PRO A 61 -11.33 -28.22 -0.76
N TYR A 62 -10.96 -26.94 -0.83
CA TYR A 62 -11.91 -25.85 -1.05
C TYR A 62 -11.16 -24.71 -1.76
N PRO A 63 -11.86 -23.92 -2.59
CA PRO A 63 -11.23 -22.84 -3.38
C PRO A 63 -10.34 -21.85 -2.61
N GLU A 64 -10.69 -21.58 -1.35
CA GLU A 64 -9.91 -20.68 -0.49
C GLU A 64 -8.55 -21.25 -0.06
N ALA A 65 -8.36 -22.57 -0.18
CA ALA A 65 -7.10 -23.19 0.28
C ALA A 65 -5.85 -22.63 -0.39
N ILE A 66 -5.97 -22.14 -1.62
CA ILE A 66 -4.86 -21.49 -2.34
C ILE A 66 -4.21 -20.36 -1.51
N PHE A 67 -5.01 -19.67 -0.70
CA PHE A 67 -4.51 -18.57 0.14
C PHE A 67 -4.07 -18.99 1.54
N GLU A 68 -4.29 -20.25 1.91
CA GLU A 68 -4.11 -20.69 3.30
C GLU A 68 -2.71 -21.24 3.53
N ILE A 69 -2.11 -20.90 4.67
CA ILE A 69 -0.71 -21.24 4.96
C ILE A 69 -0.46 -22.76 5.09
N SER A 70 -1.26 -23.45 5.88
CA SER A 70 -1.04 -24.88 6.11
C SER A 70 -1.17 -25.69 4.80
N TYR A 71 -2.12 -25.31 3.95
CA TYR A 71 -2.21 -25.93 2.62
C TYR A 71 -0.96 -25.64 1.80
N PHE A 72 -0.56 -24.37 1.73
CA PHE A 72 0.67 -23.99 1.02
C PHE A 72 1.85 -24.86 1.42
N LYS A 73 2.03 -25.04 2.73
CA LYS A 73 3.18 -25.76 3.26
C LYS A 73 3.24 -27.22 2.81
N LYS A 74 2.08 -27.85 2.63
CA LYS A 74 2.05 -29.24 2.17
C LYS A 74 1.90 -29.35 0.66
N HIS A 75 1.24 -28.37 0.04
CA HIS A 75 1.05 -28.34 -1.41
C HIS A 75 1.35 -26.95 -1.95
N PRO A 76 2.64 -26.63 -2.11
CA PRO A 76 3.06 -25.30 -2.58
C PRO A 76 2.94 -25.06 -4.08
N GLU A 77 2.76 -26.11 -4.87
CA GLU A 77 2.80 -25.99 -6.33
C GLU A 77 1.69 -25.08 -6.91
N PRO A 78 0.43 -25.22 -6.42
CA PRO A 78 -0.61 -24.33 -6.92
C PRO A 78 -0.25 -22.85 -6.72
N PHE A 79 0.21 -22.48 -5.52
CA PHE A 79 0.61 -21.10 -5.26
C PHE A 79 1.65 -20.62 -6.27
N PHE A 80 2.71 -21.40 -6.46
CA PHE A 80 3.80 -20.96 -7.32
C PHE A 80 3.41 -20.91 -8.80
N ALA A 81 2.46 -21.75 -9.20
CA ALA A 81 1.93 -21.73 -10.57
C ALA A 81 1.14 -20.43 -10.78
N LEU A 82 0.27 -20.12 -9.83
CA LEU A 82 -0.48 -18.87 -9.83
C LEU A 82 0.45 -17.64 -9.79
N ALA A 83 1.49 -17.70 -8.96
CA ALA A 83 2.44 -16.59 -8.90
C ALA A 83 3.07 -16.34 -10.27
N LYS A 84 3.39 -17.40 -11.01
CA LYS A 84 3.94 -17.23 -12.36
C LYS A 84 2.93 -16.56 -13.32
N GLU A 85 1.69 -17.04 -13.25
CA GLU A 85 0.58 -16.50 -14.04
C GLU A 85 0.37 -14.99 -13.77
N LEU A 86 0.40 -14.61 -12.50
CA LEU A 86 0.10 -13.22 -12.12
C LEU A 86 1.32 -12.28 -12.05
N TYR A 87 2.52 -12.78 -12.32
CA TYR A 87 3.75 -11.99 -12.15
C TYR A 87 3.72 -10.80 -13.12
N PRO A 88 3.83 -9.58 -12.59
CA PRO A 88 3.76 -8.42 -13.52
C PRO A 88 4.84 -8.42 -14.57
N GLY A 89 4.51 -7.94 -15.77
CA GLY A 89 5.48 -7.80 -16.83
C GLY A 89 6.52 -6.69 -16.65
N GLN A 90 6.19 -5.70 -15.82
CA GLN A 90 7.09 -4.59 -15.56
C GLN A 90 6.72 -4.02 -14.19
N PHE A 91 7.67 -3.38 -13.53
CA PHE A 91 7.45 -2.75 -12.21
C PHE A 91 7.81 -1.27 -12.29
N LYS A 92 6.84 -0.49 -12.74
CA LYS A 92 6.98 0.93 -12.91
CA LYS A 92 6.96 0.95 -12.92
C LYS A 92 6.01 1.65 -11.96
N PRO A 93 6.55 2.21 -10.85
CA PRO A 93 5.61 2.85 -9.92
C PRO A 93 4.87 4.03 -10.53
N THR A 94 3.74 4.35 -9.95
CA THR A 94 2.84 5.37 -10.47
C THR A 94 3.17 6.76 -9.94
N ILE A 95 2.53 7.77 -10.56
CA ILE A 95 2.60 9.14 -10.08
C ILE A 95 2.31 9.20 -8.56
N CYS A 96 1.32 8.42 -8.13
CA CYS A 96 0.97 8.35 -6.72
CA CYS A 96 0.99 8.33 -6.70
C CYS A 96 2.14 7.84 -5.83
N HIS A 97 2.81 6.77 -6.27
CA HIS A 97 4.00 6.31 -5.57
C HIS A 97 5.08 7.39 -5.47
N TYR A 98 5.35 8.07 -6.60
CA TYR A 98 6.37 9.12 -6.60
C TYR A 98 5.95 10.39 -5.83
N PHE A 99 4.65 10.66 -5.74
CA PHE A 99 4.17 11.69 -4.83
C PHE A 99 4.59 11.38 -3.38
N MET A 100 4.47 10.11 -2.99
CA MET A 100 4.93 9.75 -1.63
C MET A 100 6.46 9.90 -1.48
N ARG A 101 7.22 9.58 -2.53
CA ARG A 101 8.65 9.86 -2.50
C ARG A 101 8.93 11.35 -2.28
N LEU A 102 8.16 12.22 -2.93
CA LEU A 102 8.30 13.66 -2.71
C LEU A 102 7.98 14.06 -1.27
N LEU A 103 6.93 13.45 -0.70
CA LEU A 103 6.65 13.67 0.72
C LEU A 103 7.84 13.34 1.57
N LYS A 104 8.46 12.19 1.29
CA LYS A 104 9.68 11.77 1.99
C LYS A 104 10.80 12.79 1.81
N ASP A 105 11.04 13.20 0.57
CA ASP A 105 12.14 14.14 0.25
C ASP A 105 12.00 15.44 1.03
N LYS A 106 10.76 15.89 1.17
CA LYS A 106 10.44 17.16 1.81
C LYS A 106 10.25 17.04 3.32
N GLY A 107 10.54 15.88 3.90
CA GLY A 107 10.53 15.72 5.35
C GLY A 107 9.14 15.66 5.95
N LEU A 108 8.13 15.36 5.14
CA LEU A 108 6.71 15.31 5.57
C LEU A 108 6.20 13.90 5.81
N LEU A 109 6.89 12.87 5.34
CA LEU A 109 6.38 11.51 5.45
C LEU A 109 6.74 10.85 6.77
N LEU A 110 5.75 10.63 7.62
CA LEU A 110 5.97 9.85 8.83
C LEU A 110 5.96 8.36 8.52
N ARG A 111 4.97 7.91 7.76
CA ARG A 111 4.86 6.48 7.43
C ARG A 111 3.91 6.27 6.28
N CYS A 112 4.20 5.25 5.48
CA CYS A 112 3.28 4.72 4.47
C CYS A 112 2.86 3.32 4.91
N TYR A 113 1.58 3.15 5.24
CA TYR A 113 0.98 1.84 5.49
C TYR A 113 0.36 1.38 4.18
N THR A 114 0.81 0.22 3.67
CA THR A 114 0.32 -0.29 2.38
C THR A 114 -0.29 -1.67 2.51
N GLN A 115 -1.36 -1.88 1.74
CA GLN A 115 -1.97 -3.19 1.59
CA GLN A 115 -1.99 -3.18 1.58
C GLN A 115 -1.37 -3.96 0.43
N ASN A 116 -0.50 -3.33 -0.34
CA ASN A 116 0.01 -3.95 -1.57
C ASN A 116 1.28 -4.77 -1.37
N ILE A 117 1.41 -5.78 -2.23
CA ILE A 117 2.53 -6.73 -2.18
C ILE A 117 3.51 -6.62 -3.35
N ASP A 118 3.30 -5.60 -4.18
CA ASP A 118 3.95 -5.48 -5.48
C ASP A 118 5.34 -4.84 -5.46
N THR A 119 5.77 -4.34 -4.31
CA THR A 119 7.08 -3.69 -4.09
C THR A 119 7.26 -2.29 -4.71
N LEU A 120 6.21 -1.75 -5.31
CA LEU A 120 6.36 -0.49 -6.04
C LEU A 120 6.74 0.67 -5.09
N GLU A 121 6.31 0.63 -3.82
CA GLU A 121 6.74 1.67 -2.87
C GLU A 121 8.27 1.72 -2.71
N ARG A 122 8.89 0.54 -2.66
CA ARG A 122 10.34 0.44 -2.54
C ARG A 122 11.05 0.87 -3.82
N ILE A 123 10.50 0.47 -4.96
CA ILE A 123 11.08 0.89 -6.23
C ILE A 123 11.03 2.40 -6.38
N ALA A 124 9.94 3.00 -5.93
CA ALA A 124 9.80 4.45 -5.94
C ALA A 124 10.66 5.18 -4.93
N GLY A 125 11.35 4.45 -4.08
CA GLY A 125 12.31 5.05 -3.18
C GLY A 125 11.89 5.25 -1.74
N LEU A 126 10.79 4.64 -1.33
CA LEU A 126 10.48 4.55 0.11
C LEU A 126 11.33 3.45 0.72
N GLU A 127 11.88 3.72 1.90
CA GLU A 127 12.74 2.75 2.54
CA GLU A 127 12.79 2.80 2.59
C GLU A 127 12.00 1.91 3.56
N GLN A 128 12.64 0.82 3.98
CA GLN A 128 12.07 -0.06 4.99
C GLN A 128 11.49 0.72 6.16
N GLU A 129 12.25 1.68 6.68
CA GLU A 129 11.78 2.44 7.85
C GLU A 129 10.53 3.24 7.59
N ASP A 130 10.31 3.64 6.32
CA ASP A 130 9.14 4.45 5.95
C ASP A 130 7.86 3.62 5.80
N LEU A 131 7.99 2.30 5.75
CA LEU A 131 6.92 1.42 5.29
C LEU A 131 6.39 0.50 6.35
N VAL A 132 5.09 0.32 6.37
CA VAL A 132 4.43 -0.79 7.05
C VAL A 132 3.68 -1.58 5.96
N GLU A 133 4.25 -2.70 5.55
CA GLU A 133 3.63 -3.58 4.56
C GLU A 133 2.67 -4.50 5.30
N ALA A 134 1.44 -4.02 5.42
CA ALA A 134 0.46 -4.64 6.29
C ALA A 134 0.07 -6.04 5.85
N HIS A 135 0.19 -6.34 4.54
CA HIS A 135 -0.07 -7.68 4.02
C HIS A 135 1.20 -8.38 3.54
N GLY A 136 2.34 -7.90 4.01
CA GLY A 136 3.64 -8.43 3.61
C GLY A 136 4.03 -7.98 2.22
N THR A 137 5.01 -8.66 1.65
CA THR A 137 5.57 -8.23 0.37
C THR A 137 6.30 -9.37 -0.31
N PHE A 138 6.37 -9.31 -1.65
CA PHE A 138 7.27 -10.18 -2.41
C PHE A 138 8.73 -9.72 -2.36
N TYR A 139 9.03 -8.56 -1.78
CA TYR A 139 10.38 -8.03 -1.83
C TYR A 139 11.44 -8.98 -1.25
N THR A 140 11.07 -9.67 -0.18
CA THR A 140 11.90 -10.68 0.43
C THR A 140 11.08 -11.95 0.63
N SER A 141 11.82 -13.06 0.72
CA SER A 141 11.27 -14.39 0.96
C SER A 141 12.13 -15.04 2.02
N HIS A 142 11.53 -15.95 2.80
CA HIS A 142 12.27 -16.69 3.81
C HIS A 142 12.01 -18.18 3.73
N CYS A 143 13.09 -18.93 3.94
CA CYS A 143 12.97 -20.31 4.34
C CYS A 143 11.96 -20.45 5.45
N VAL A 144 11.07 -21.43 5.33
CA VAL A 144 10.01 -21.63 6.31
C VAL A 144 10.47 -22.31 7.60
N SER A 145 11.67 -22.89 7.63
CA SER A 145 12.15 -23.55 8.84
C SER A 145 12.54 -22.54 9.91
N ALA A 146 11.93 -22.67 11.08
CA ALA A 146 12.18 -21.74 12.18
C ALA A 146 13.65 -21.68 12.62
N SER A 147 14.39 -22.78 12.47
CA SER A 147 15.80 -22.88 12.87
CA SER A 147 15.79 -22.85 12.89
C SER A 147 16.74 -22.29 11.85
N CYS A 148 16.21 -21.92 10.69
CA CYS A 148 17.05 -21.43 9.59
C CYS A 148 16.67 -20.00 9.18
N ARG A 149 15.49 -19.86 8.58
CA ARG A 149 14.98 -18.55 8.16
C ARG A 149 15.90 -17.78 7.23
N HIS A 150 16.66 -18.48 6.40
CA HIS A 150 17.49 -17.85 5.39
C HIS A 150 16.61 -16.93 4.53
N GLU A 151 17.07 -15.69 4.35
CA GLU A 151 16.36 -14.68 3.56
C GLU A 151 16.84 -14.66 2.11
N TYR A 152 15.88 -14.56 1.19
CA TYR A 152 16.19 -14.54 -0.25
C TYR A 152 15.57 -13.32 -0.91
N PRO A 153 16.33 -12.65 -1.80
CA PRO A 153 15.83 -11.49 -2.50
C PRO A 153 14.86 -11.88 -3.63
N LEU A 154 14.10 -10.90 -4.10
CA LEU A 154 13.12 -11.16 -5.13
C LEU A 154 13.73 -11.69 -6.43
N SER A 155 14.94 -11.27 -6.77
CA SER A 155 15.63 -11.79 -7.96
C SER A 155 15.74 -13.33 -7.94
N TRP A 156 16.09 -13.86 -6.78
CA TRP A 156 16.21 -15.31 -6.56
C TRP A 156 14.85 -16.00 -6.69
N MET A 157 13.85 -15.41 -6.05
CA MET A 157 12.49 -15.96 -6.05
C MET A 157 11.88 -15.89 -7.46
N LYS A 158 12.12 -14.79 -8.17
CA LYS A 158 11.63 -14.66 -9.54
C LYS A 158 12.15 -15.78 -10.44
N GLU A 159 13.45 -16.04 -10.36
CA GLU A 159 14.07 -17.11 -11.14
C GLU A 159 13.39 -18.47 -10.88
N LYS A 160 13.07 -18.76 -9.62
CA LYS A 160 12.42 -20.03 -9.30
C LYS A 160 11.01 -20.09 -9.85
N ILE A 161 10.27 -18.99 -9.71
CA ILE A 161 8.90 -18.91 -10.20
C ILE A 161 8.83 -19.12 -11.73
N PHE A 162 9.70 -18.44 -12.46
CA PHE A 162 9.63 -18.52 -13.94
C PHE A 162 10.15 -19.86 -14.47
N SER A 163 11.11 -20.46 -13.77
CA SER A 163 11.64 -21.76 -14.17
C SER A 163 10.75 -22.93 -13.72
N GLU A 164 9.75 -22.62 -12.90
CA GLU A 164 8.77 -23.59 -12.41
C GLU A 164 9.44 -24.65 -11.54
N VAL A 165 10.46 -24.20 -10.80
CA VAL A 165 11.17 -25.02 -9.84
C VAL A 165 10.68 -24.54 -8.48
N THR A 166 10.08 -25.45 -7.70
CA THR A 166 9.60 -25.09 -6.37
C THR A 166 10.79 -24.59 -5.54
N PRO A 167 10.71 -23.35 -5.00
CA PRO A 167 11.90 -22.81 -4.32
C PRO A 167 12.21 -23.53 -3.00
N LYS A 168 13.45 -24.01 -2.89
CA LYS A 168 13.93 -24.68 -1.69
C LYS A 168 15.18 -23.99 -1.16
N CYS A 169 15.34 -24.01 0.15
CA CYS A 169 16.43 -23.31 0.80
C CYS A 169 17.79 -23.97 0.52
N GLU A 170 18.78 -23.16 0.20
CA GLU A 170 20.13 -23.68 -0.10
C GLU A 170 20.83 -24.23 1.13
N ASP A 171 20.50 -23.73 2.31
CA ASP A 171 21.11 -24.21 3.53
C ASP A 171 20.48 -25.51 4.04
N CYS A 172 19.15 -25.63 3.99
CA CYS A 172 18.44 -26.73 4.66
C CYS A 172 17.40 -27.47 3.82
N GLN A 173 17.19 -27.03 2.57
CA GLN A 173 16.22 -27.63 1.64
C GLN A 173 14.73 -27.55 2.04
N SER A 174 14.40 -26.73 3.03
CA SER A 174 13.00 -26.41 3.31
C SER A 174 12.43 -25.51 2.23
N LEU A 175 11.11 -25.51 2.14
CA LEU A 175 10.39 -24.57 1.28
C LEU A 175 10.75 -23.12 1.60
N VAL A 176 10.85 -22.28 0.56
CA VAL A 176 11.03 -20.84 0.72
C VAL A 176 9.75 -20.11 0.28
N LYS A 177 9.23 -19.24 1.16
CA LYS A 177 7.93 -18.58 0.95
C LYS A 177 8.14 -17.07 0.82
N PRO A 178 7.50 -16.43 -0.18
CA PRO A 178 7.51 -14.97 -0.19
C PRO A 178 6.92 -14.41 1.10
N ASP A 179 7.42 -13.27 1.53
CA ASP A 179 6.98 -12.68 2.80
C ASP A 179 5.61 -12.00 2.72
N ILE A 180 4.70 -12.55 1.93
CA ILE A 180 3.30 -12.09 1.90
C ILE A 180 2.55 -12.84 2.99
N VAL A 181 1.47 -12.26 3.51
CA VAL A 181 0.72 -12.84 4.64
C VAL A 181 -0.38 -13.76 4.11
N PHE A 182 -0.19 -15.07 4.27
CA PHE A 182 -1.19 -16.04 3.87
C PHE A 182 -2.31 -16.08 4.90
N PHE A 183 -3.50 -16.52 4.48
CA PHE A 183 -4.61 -16.73 5.42
C PHE A 183 -4.12 -17.74 6.45
N GLY A 184 -4.37 -17.49 7.72
CA GLY A 184 -3.81 -18.31 8.80
C GLY A 184 -2.51 -17.81 9.40
N GLU A 185 -1.84 -16.87 8.73
CA GLU A 185 -0.69 -16.18 9.33
C GLU A 185 -1.15 -14.89 9.97
N SER A 186 -0.41 -14.45 10.99
CA SER A 186 -0.68 -13.16 11.62
C SER A 186 -0.21 -12.01 10.73
N LEU A 187 -0.81 -10.84 10.91
CA LEU A 187 -0.25 -9.63 10.32
C LEU A 187 1.11 -9.40 10.97
N PRO A 188 2.05 -8.75 10.27
CA PRO A 188 3.38 -8.50 10.84
C PRO A 188 3.31 -7.76 12.19
N ALA A 189 4.19 -8.15 13.11
CA ALA A 189 4.34 -7.45 14.40
C ALA A 189 4.50 -5.93 14.22
N ARG A 190 5.23 -5.55 13.18
CA ARG A 190 5.50 -4.15 12.87
C ARG A 190 4.24 -3.32 12.68
N PHE A 191 3.19 -3.91 12.11
CA PHE A 191 1.92 -3.21 11.92
C PHE A 191 1.40 -2.64 13.24
N PHE A 192 1.40 -3.48 14.28
CA PHE A 192 0.78 -3.10 15.54
C PHE A 192 1.67 -2.14 16.31
N SER A 193 2.97 -2.41 16.31
CA SER A 193 3.96 -1.55 16.93
C SER A 193 3.90 -0.12 16.37
N CYS A 194 3.98 -0.02 15.05
CA CYS A 194 4.00 1.30 14.42
C CYS A 194 2.69 2.04 14.62
N MET A 195 1.57 1.32 14.53
CA MET A 195 0.26 1.94 14.73
CA MET A 195 0.27 1.94 14.73
C MET A 195 0.20 2.65 16.09
N GLN A 196 0.62 1.95 17.13
CA GLN A 196 0.60 2.47 18.49
C GLN A 196 1.33 3.82 18.63
N SER A 197 2.43 3.97 17.91
CA SER A 197 3.29 5.17 18.03
C SER A 197 2.93 6.25 17.01
N ASP A 198 2.71 5.85 15.76
CA ASP A 198 2.58 6.80 14.67
C ASP A 198 1.37 7.71 14.83
N PHE A 199 0.27 7.16 15.30
CA PHE A 199 -0.97 7.92 15.34
C PHE A 199 -1.03 8.91 16.51
N LEU A 200 -0.05 8.87 17.41
CA LEU A 200 0.16 9.93 18.38
C LEU A 200 0.75 11.19 17.75
N LYS A 201 1.35 11.03 16.57
CA LYS A 201 2.23 12.06 15.98
C LYS A 201 1.72 12.66 14.68
N VAL A 202 0.60 12.16 14.18
CA VAL A 202 0.15 12.48 12.82
C VAL A 202 -0.61 13.79 12.73
N ASP A 203 -0.34 14.56 11.67
CA ASP A 203 -1.03 15.82 11.36
C ASP A 203 -1.99 15.70 10.18
N LEU A 204 -1.80 14.71 9.33
CA LEU A 204 -2.63 14.53 8.14
C LEU A 204 -2.64 13.06 7.76
N LEU A 205 -3.81 12.52 7.46
CA LEU A 205 -3.93 11.19 6.87
C LEU A 205 -4.25 11.35 5.40
N LEU A 206 -3.42 10.78 4.54
CA LEU A 206 -3.67 10.72 3.11
CA LEU A 206 -3.67 10.71 3.09
C LEU A 206 -4.03 9.28 2.76
N VAL A 207 -5.29 9.05 2.42
CA VAL A 207 -5.82 7.72 2.19
C VAL A 207 -6.04 7.57 0.69
N MET A 208 -5.26 6.71 0.04
CA MET A 208 -5.24 6.67 -1.43
C MET A 208 -5.40 5.25 -1.96
N GLY A 209 -6.35 5.08 -2.87
CA GLY A 209 -6.54 3.80 -3.55
C GLY A 209 -6.92 2.65 -2.66
N THR A 210 -7.66 2.91 -1.58
CA THR A 210 -8.20 1.82 -0.76
C THR A 210 -9.67 2.06 -0.49
N SER A 211 -10.46 1.00 -0.56
CA SER A 211 -11.88 1.07 -0.24
C SER A 211 -12.14 0.88 1.25
N LEU A 212 -11.11 0.64 2.05
CA LEU A 212 -11.26 0.55 3.51
C LEU A 212 -12.30 -0.50 3.91
N GLN A 213 -12.20 -1.68 3.29
CA GLN A 213 -13.15 -2.78 3.58
CA GLN A 213 -13.14 -2.79 3.55
C GLN A 213 -12.48 -3.96 4.29
N VAL A 214 -11.15 -4.04 4.23
CA VAL A 214 -10.39 -5.15 4.79
C VAL A 214 -9.78 -4.76 6.14
N GLN A 215 -10.08 -5.56 7.17
CA GLN A 215 -9.63 -5.33 8.54
C GLN A 215 -8.37 -6.14 8.83
N PRO A 216 -7.51 -5.67 9.75
CA PRO A 216 -7.60 -4.44 10.54
C PRO A 216 -7.10 -3.15 9.84
N PHE A 217 -6.58 -3.26 8.62
CA PHE A 217 -6.17 -2.06 7.88
C PHE A 217 -7.19 -0.92 7.88
N ALA A 218 -8.47 -1.22 7.63
CA ALA A 218 -9.49 -0.19 7.55
C ALA A 218 -9.69 0.59 8.84
N SER A 219 -9.46 -0.07 9.97
CA SER A 219 -9.63 0.54 11.30
C SER A 219 -8.59 1.61 11.60
N LEU A 220 -7.52 1.65 10.81
CA LEU A 220 -6.51 2.67 10.98
C LEU A 220 -7.08 4.08 10.94
N ILE A 221 -8.14 4.32 10.17
CA ILE A 221 -8.63 5.71 10.10
C ILE A 221 -9.19 6.18 11.46
N SER A 222 -9.70 5.24 12.25
CA SER A 222 -10.24 5.54 13.59
CA SER A 222 -10.22 5.58 13.57
C SER A 222 -9.13 5.78 14.62
N LYS A 223 -7.88 5.52 14.26
CA LYS A 223 -6.73 5.76 15.17
C LYS A 223 -6.20 7.20 15.08
N ALA A 224 -6.69 7.97 14.10
CA ALA A 224 -6.23 9.34 13.98
C ALA A 224 -6.79 10.17 15.14
N PRO A 225 -6.01 11.14 15.62
CA PRO A 225 -6.57 12.11 16.55
C PRO A 225 -7.81 12.77 15.94
N LEU A 226 -8.73 13.21 16.80
CA LEU A 226 -9.96 13.83 16.34
C LEU A 226 -9.76 15.04 15.45
N SER A 227 -8.68 15.81 15.65
CA SER A 227 -8.48 17.02 14.84
C SER A 227 -7.85 16.73 13.47
N THR A 228 -7.27 15.57 13.27
CA THR A 228 -6.39 15.30 12.10
C THR A 228 -7.20 15.24 10.82
N PRO A 229 -6.93 16.15 9.86
CA PRO A 229 -7.63 16.01 8.59
C PRO A 229 -7.33 14.71 7.89
N ARG A 230 -8.34 14.20 7.16
CA ARG A 230 -8.21 12.96 6.42
C ARG A 230 -8.66 13.20 4.99
N LEU A 231 -7.72 13.09 4.04
CA LEU A 231 -8.02 13.25 2.62
C LEU A 231 -8.06 11.89 1.95
N LEU A 232 -9.19 11.56 1.35
CA LEU A 232 -9.35 10.35 0.54
C LEU A 232 -9.21 10.70 -0.93
N ILE A 233 -8.25 10.07 -1.60
CA ILE A 233 -8.11 10.16 -3.06
C ILE A 233 -8.39 8.78 -3.58
N ASN A 234 -9.51 8.60 -4.27
CA ASN A 234 -9.96 7.25 -4.61
C ASN A 234 -11.04 7.36 -5.67
N LYS A 235 -11.21 6.30 -6.44
CA LYS A 235 -12.23 6.33 -7.50
C LYS A 235 -13.64 6.44 -6.90
N GLU A 236 -13.83 5.85 -5.72
CA GLU A 236 -15.12 5.85 -5.04
C GLU A 236 -14.97 6.32 -3.59
N LYS A 237 -16.02 6.98 -3.10
CA LYS A 237 -16.07 7.34 -1.69
C LYS A 237 -16.08 6.08 -0.84
N ALA A 238 -15.35 6.13 0.28
CA ALA A 238 -15.13 4.98 1.14
C ALA A 238 -14.91 5.46 2.57
N GLY A 239 -15.11 4.55 3.50
CA GLY A 239 -14.80 4.79 4.90
C GLY A 239 -15.90 5.38 5.76
N GLN A 240 -17.08 5.68 5.23
CA GLN A 240 -18.17 6.17 6.10
C GLN A 240 -18.74 5.04 6.95
N SER A 241 -19.43 5.42 8.04
CA SER A 241 -20.09 4.44 8.90
C SER A 241 -21.05 3.57 8.09
N ASP A 242 -21.16 2.29 8.45
CA ASP A 242 -22.04 1.36 7.74
C ASP A 242 -23.43 1.48 8.32
N PRO A 243 -24.43 1.92 7.51
CA PRO A 243 -25.76 2.16 8.06
C PRO A 243 -26.42 0.91 8.65
N PHE A 244 -25.98 -0.27 8.22
CA PHE A 244 -26.52 -1.55 8.72
C PHE A 244 -26.00 -1.92 10.10
N LEU A 245 -24.73 -1.60 10.37
CA LEU A 245 -24.08 -1.94 11.64
C LEU A 245 -23.65 -0.68 12.39
N GLY A 246 -22.62 0.00 11.86
CA GLY A 246 -22.05 1.19 12.49
C GLY A 246 -20.55 1.30 12.28
N GLY A 254 -15.90 6.66 11.68
CA GLY A 254 -16.09 6.72 10.23
C GLY A 254 -15.80 8.06 9.58
N MET A 255 -15.53 8.02 8.28
CA MET A 255 -15.42 9.24 7.50
C MET A 255 -16.74 10.00 7.43
N ASP A 256 -16.68 11.32 7.59
CA ASP A 256 -17.85 12.19 7.40
C ASP A 256 -17.44 13.30 6.45
N PHE A 257 -17.74 13.10 5.17
CA PHE A 257 -17.43 14.07 4.14
C PHE A 257 -18.51 15.12 3.96
N ASP A 258 -19.77 14.70 4.12
CA ASP A 258 -20.86 15.47 3.54
C ASP A 258 -21.94 15.96 4.48
N SER A 259 -21.95 15.57 5.75
CA SER A 259 -23.03 16.02 6.64
C SER A 259 -22.77 17.43 7.14
N LYS A 260 -23.75 17.98 7.85
CA LYS A 260 -23.60 19.32 8.44
C LYS A 260 -22.57 19.33 9.54
N LYS A 261 -22.22 18.15 10.03
CA LYS A 261 -21.24 17.99 11.09
C LYS A 261 -19.85 17.68 10.58
N ALA A 262 -19.68 17.59 9.26
CA ALA A 262 -18.36 17.32 8.68
C ALA A 262 -17.43 18.47 9.01
N TYR A 263 -16.19 18.16 9.38
CA TYR A 263 -15.24 19.20 9.75
C TYR A 263 -13.81 18.94 9.30
N ARG A 264 -13.48 17.73 8.85
CA ARG A 264 -12.05 17.40 8.61
C ARG A 264 -11.78 16.39 7.50
N ASP A 265 -12.81 15.77 6.96
CA ASP A 265 -12.65 14.72 5.96
C ASP A 265 -13.01 15.26 4.58
N VAL A 266 -12.17 14.98 3.61
CA VAL A 266 -12.33 15.46 2.24
C VAL A 266 -12.18 14.29 1.28
N ALA A 267 -13.09 14.19 0.31
CA ALA A 267 -12.98 13.18 -0.73
C ALA A 267 -12.70 13.82 -2.08
N TRP A 268 -11.67 13.34 -2.76
CA TRP A 268 -11.39 13.70 -4.13
C TRP A 268 -11.58 12.43 -4.93
N LEU A 269 -12.62 12.42 -5.79
CA LEU A 269 -12.98 11.21 -6.50
C LEU A 269 -12.46 11.23 -7.93
N GLY A 270 -11.66 10.24 -8.23
CA GLY A 270 -11.03 10.10 -9.54
C GLY A 270 -9.89 9.12 -9.43
N GLU A 271 -9.10 9.02 -10.50
CA GLU A 271 -7.91 8.19 -10.49
C GLU A 271 -6.89 8.77 -9.51
N CYS A 272 -6.21 7.89 -8.76
CA CYS A 272 -5.25 8.33 -7.74
C CYS A 272 -4.14 9.19 -8.35
N ASP A 273 -3.68 8.81 -9.54
CA ASP A 273 -2.65 9.59 -10.21
C ASP A 273 -3.10 11.02 -10.47
N GLN A 274 -4.34 11.17 -10.93
CA GLN A 274 -4.87 12.50 -11.21
C GLN A 274 -5.10 13.31 -9.96
N GLY A 275 -5.52 12.67 -8.87
CA GLY A 275 -5.68 13.37 -7.60
C GLY A 275 -4.34 13.86 -7.05
N CYS A 276 -3.33 12.99 -7.11
CA CYS A 276 -1.99 13.38 -6.65
C CYS A 276 -1.39 14.49 -7.50
N LEU A 277 -1.66 14.45 -8.80
CA LEU A 277 -1.24 15.51 -9.71
C LEU A 277 -1.88 16.84 -9.31
N ALA A 278 -3.20 16.80 -9.07
CA ALA A 278 -3.94 17.99 -8.69
C ALA A 278 -3.43 18.55 -7.38
N LEU A 279 -3.14 17.69 -6.41
CA LEU A 279 -2.62 18.14 -5.12
C LEU A 279 -1.21 18.72 -5.30
N ALA A 280 -0.35 18.02 -6.04
CA ALA A 280 1.00 18.52 -6.29
C ALA A 280 0.97 19.90 -6.94
N GLU A 281 0.07 20.10 -7.91
CA GLU A 281 -0.07 21.40 -8.55
C GLU A 281 -0.38 22.51 -7.53
N LEU A 282 -1.35 22.26 -6.66
CA LEU A 282 -1.69 23.23 -5.62
C LEU A 282 -0.50 23.56 -4.74
N LEU A 283 0.32 22.55 -4.45
CA LEU A 283 1.48 22.70 -3.60
C LEU A 283 2.70 23.34 -4.25
N GLY A 284 2.63 23.57 -5.57
CA GLY A 284 3.80 24.06 -6.31
C GLY A 284 4.82 22.98 -6.62
N TRP A 285 4.39 21.72 -6.55
CA TRP A 285 5.28 20.57 -6.73
C TRP A 285 5.11 19.88 -8.09
N LYS A 286 4.27 20.41 -8.98
CA LYS A 286 3.97 19.69 -10.23
C LYS A 286 5.22 19.45 -11.10
N LYS A 287 6.06 20.48 -11.25
CA LYS A 287 7.30 20.30 -12.03
C LYS A 287 8.22 19.27 -11.38
N GLU A 288 8.36 19.36 -10.05
CA GLU A 288 9.22 18.38 -9.35
C GLU A 288 8.71 16.96 -9.55
N LEU A 289 7.39 16.79 -9.47
CA LEU A 289 6.77 15.47 -9.61
C LEU A 289 6.91 14.93 -11.03
N GLU A 290 6.63 15.78 -12.02
CA GLU A 290 6.81 15.39 -13.42
C GLU A 290 8.25 14.99 -13.72
N ASP A 291 9.18 15.81 -13.25
CA ASP A 291 10.60 15.53 -13.49
C ASP A 291 11.04 14.20 -12.86
N LEU A 292 10.60 13.95 -11.62
CA LEU A 292 10.93 12.72 -10.93
C LEU A 292 10.33 11.50 -11.63
N VAL A 293 9.04 11.55 -11.94
CA VAL A 293 8.39 10.43 -12.61
C VAL A 293 9.01 10.11 -13.98
N ARG A 294 9.24 11.15 -14.77
CA ARG A 294 9.74 10.93 -16.12
CA ARG A 294 9.75 10.94 -16.13
C ARG A 294 11.14 10.34 -16.08
N ARG A 295 11.96 10.81 -15.14
CA ARG A 295 13.30 10.29 -14.97
C ARG A 295 13.30 8.84 -14.49
N GLU A 296 12.47 8.53 -13.48
CA GLU A 296 12.40 7.18 -12.98
C GLU A 296 11.80 6.19 -13.99
N HIS A 297 10.73 6.61 -14.66
CA HIS A 297 10.15 5.79 -15.72
C HIS A 297 11.16 5.52 -16.83
N ALA A 298 11.93 6.53 -17.20
CA ALA A 298 12.93 6.36 -18.25
C ALA A 298 14.01 5.37 -17.79
N SER A 299 14.43 5.51 -16.54
CA SER A 299 15.44 4.62 -15.99
C SER A 299 14.95 3.17 -15.97
N ILE A 300 13.70 2.97 -15.58
CA ILE A 300 13.14 1.63 -15.53
C ILE A 300 12.99 1.04 -16.95
N ASP A 301 12.50 1.86 -17.87
CA ASP A 301 12.38 1.42 -19.28
C ASP A 301 13.74 1.04 -19.87
N ALA A 302 14.78 1.70 -19.38
CA ALA A 302 16.15 1.53 -19.90
C ALA A 302 16.97 0.46 -19.22
N GLN A 303 16.36 -0.32 -18.34
CA GLN A 303 17.08 -1.40 -17.68
C GLN A 303 17.57 -2.37 -18.73
N SER A 304 18.90 -2.54 -18.80
CA SER A 304 19.54 -3.38 -19.80
C SER A 304 20.25 -4.53 -19.10
OH ALY B 4 -6.86 -12.74 0.58
CH ALY B 4 -5.80 -13.29 0.36
CH3 ALY B 4 -5.60 -14.01 -0.93
NZ ALY B 4 -4.78 -13.31 1.23
CE ALY B 4 -4.86 -12.60 2.49
CD ALY B 4 -5.06 -13.39 3.77
CG ALY B 4 -4.95 -12.45 4.97
CB ALY B 4 -5.74 -11.15 4.74
CA ALY B 4 -6.15 -10.30 5.95
N ALY B 4 -5.83 -10.87 7.30
C ALY B 4 -7.63 -10.10 5.87
O ALY B 4 -8.12 -8.97 5.89
ZN ZN C . 16.61 -22.97 5.39
C1 3TE D . -0.26 -12.11 -6.57
C2 3TE D . -0.30 -13.84 -5.24
C3 3TE D . -1.60 -13.51 -5.12
C4 3TE D . -2.64 -14.21 -4.35
C5 3TE D . -2.21 -14.86 -3.06
C6 3TE D . -1.86 -14.09 -1.91
S 3TE D . -1.90 -12.11 -6.07
N1 3TE D . 0.48 -13.07 -6.07
C7 3TE D . -1.89 -12.66 -1.91
C8 3TE D . -1.49 -11.95 -0.81
N2 3TE D . 4.39 -8.78 -7.37
C9 3TE D . -1.05 -12.61 0.33
C10 3TE D . -1.01 -13.97 0.38
O 3TE D . -1.43 -9.73 -7.45
C 3TE D . -0.27 -10.02 -7.77
C15 3TE D . 0.59 -9.08 -8.60
S1 3TE D . 1.88 -8.17 -7.71
C16 3TE D . 3.22 -9.30 -7.78
N3 3TE D . 2.97 -10.57 -8.10
C20 3TE D . 4.01 -11.41 -8.03
C21 3TE D . 3.73 -12.86 -8.28
C19 3TE D . 5.27 -10.96 -7.69
C17 3TE D . 5.43 -9.63 -7.37
C18 3TE D . 6.78 -9.01 -7.12
N 3TE D . 0.29 -11.23 -7.48
C14 3TE D . -2.10 -16.23 -2.99
C13 3TE D . -1.65 -16.87 -1.85
C12 3TE D . -1.32 -16.15 -0.74
C11 3TE D . -1.40 -14.74 -0.74
#